data_5EIR
#
_entry.id   5EIR
#
_cell.length_a   38.250
_cell.length_b   52.120
_cell.length_c   123.670
_cell.angle_alpha   90.000
_cell.angle_beta   90.000
_cell.angle_gamma   90.000
#
_symmetry.space_group_name_H-M   'P 21 2 21'
#
loop_
_entity.id
_entity.type
_entity.pdbx_description
1 polymer 'Eukaryotic translation initiation factor 4E'
2 polymer 'Eukaryotic translation initiation factor 4 gamma 1'
3 non-polymer ~{N}-[[(2~{R},3~{S},4~{R},5~{R})-5-[2-azanyl-6-oxidanylidene-7-(phenylmethyl)-1~{H}-purin-7-ium-9-yl]-3,4-bis(oxidanyl)oxolan-2-yl]methyl]-1,1,1-tris(fluoranyl)methanesulfonamide
4 non-polymer 'SULFATE ION'
5 water water
#
loop_
_entity_poly.entity_id
_entity_poly.type
_entity_poly.pdbx_seq_one_letter_code
_entity_poly.pdbx_strand_id
1 'polypeptide(L)'
;MATVEPETTPTPNPPTTEEEKTESNQEVANPEHYIKHPLQNRWALWFFKNDKSKTWQANLRLISKFDTVEDFWALYNHIQ
LSSNLMPGCDYSLFKDGIEPMWEDEKNKRGGRWLITLNKQQRRSDLDRFWLETLLCLIGESFDDYSDDVCGAVVNVRAKG
DKIAIWTTECENREAVTHIGRVYKERLGLPPKIVIGYQSHADTATKSGSTTKNRFVV
;
A
2 'polypeptide(L)' KKRYDREFLLGFQF B
#
loop_
_chem_comp.id
_chem_comp.type
_chem_comp.name
_chem_comp.formula
5O8 non-polymer ~{N}-[[(2~{R},3~{S},4~{R},5~{R})-5-[2-azanyl-6-oxidanylidene-7-(phenylmethyl)-1~{H}-purin-7-ium-9-yl]-3,4-bis(oxidanyl)oxolan-2-yl]methyl]-1,1,1-tris(fluoranyl)methanesulfonamide 'C18 H20 F3 N6 O6 S 1'
SO4 non-polymer 'SULFATE ION' 'O4 S -2'
#
# COMPACT_ATOMS: atom_id res chain seq x y z
N VAL A 28 15.87 35.17 -9.50
CA VAL A 28 15.78 33.89 -10.19
C VAL A 28 14.33 33.56 -10.54
N ALA A 29 14.11 32.37 -11.07
CA ALA A 29 12.78 31.94 -11.47
C ALA A 29 11.99 31.36 -10.30
N ASN A 30 10.74 31.76 -10.17
CA ASN A 30 9.84 31.16 -9.19
C ASN A 30 9.80 29.67 -9.49
N PRO A 31 10.24 28.85 -8.52
CA PRO A 31 10.34 27.42 -8.75
C PRO A 31 8.95 26.81 -8.92
N GLU A 32 7.93 27.61 -8.64
CA GLU A 32 6.56 27.14 -8.69
C GLU A 32 6.06 26.92 -10.13
N HIS A 33 6.87 27.27 -11.12
CA HIS A 33 6.45 27.10 -12.50
C HIS A 33 7.13 25.96 -13.20
N TYR A 34 8.16 25.39 -12.58
CA TYR A 34 8.97 24.37 -13.25
C TYR A 34 9.36 23.19 -12.35
N ILE A 35 9.16 23.33 -11.05
CA ILE A 35 9.61 22.31 -10.10
C ILE A 35 8.62 21.14 -9.97
N LYS A 36 9.15 19.94 -9.76
CA LYS A 36 8.34 18.77 -9.46
C LYS A 36 7.86 18.84 -8.01
N HIS A 37 6.63 18.38 -7.76
CA HIS A 37 6.08 18.35 -6.42
C HIS A 37 6.63 17.16 -5.65
N PRO A 38 7.52 17.42 -4.68
CA PRO A 38 8.25 16.33 -4.01
C PRO A 38 7.46 15.64 -2.91
N LEU A 39 7.65 14.33 -2.78
CA LEU A 39 7.02 13.54 -1.73
C LEU A 39 7.94 13.48 -0.51
N GLN A 40 7.36 13.13 0.64
CA GLN A 40 8.12 12.98 1.89
C GLN A 40 9.12 11.82 1.80
N ASN A 41 8.69 10.74 1.15
CA ASN A 41 9.53 9.55 0.99
C ASN A 41 9.65 9.14 -0.47
N ARG A 42 10.75 8.46 -0.80
CA ARG A 42 10.91 7.84 -2.10
C ARG A 42 10.26 6.46 -2.05
N TRP A 43 9.40 6.16 -3.03
CA TRP A 43 8.64 4.93 -3.06
C TRP A 43 9.08 3.97 -4.15
N ALA A 44 9.15 2.70 -3.80
CA ALA A 44 9.54 1.65 -4.75
C ALA A 44 8.39 0.69 -5.00
N LEU A 45 8.00 0.55 -6.26
CA LEU A 45 6.93 -0.36 -6.66
C LEU A 45 7.53 -1.72 -7.05
N TRP A 46 6.93 -2.79 -6.54
CA TRP A 46 7.41 -4.13 -6.82
C TRP A 46 6.34 -4.99 -7.44
N PHE A 47 6.77 -6.03 -8.16
CA PHE A 47 5.85 -6.94 -8.81
C PHE A 47 6.17 -8.40 -8.49
N PHE A 48 5.13 -9.19 -8.26
CA PHE A 48 5.25 -10.61 -7.98
C PHE A 48 4.59 -11.42 -9.08
N LYS A 49 5.39 -12.20 -9.81
CA LYS A 49 4.87 -13.08 -10.85
C LYS A 49 4.90 -14.53 -10.37
N ASN A 50 3.72 -15.09 -10.13
N ASN A 50 3.69 -15.08 -10.26
CA ASN A 50 3.60 -16.44 -9.61
CA ASN A 50 3.52 -16.48 -9.89
C ASN A 50 4.22 -17.47 -10.55
C ASN A 50 4.37 -17.41 -10.73
N ASP A 51 5.29 -18.12 -10.09
CA ASP A 51 6.05 -19.21 -10.68
C ASP A 51 6.43 -20.21 -9.60
N LYS A 52 6.00 -21.45 -9.76
CA LYS A 52 6.26 -22.48 -8.74
C LYS A 52 7.66 -23.11 -8.82
N SER A 53 8.30 -22.97 -9.97
CA SER A 53 9.66 -23.49 -10.17
C SER A 53 10.70 -22.65 -9.42
N LYS A 54 10.34 -21.40 -9.14
CA LYS A 54 11.19 -20.49 -8.36
C LYS A 54 10.61 -20.29 -6.96
N THR A 55 11.47 -19.87 -6.03
CA THR A 55 11.06 -19.54 -4.67
C THR A 55 10.31 -18.20 -4.65
N TRP A 56 9.64 -17.91 -3.52
CA TRP A 56 8.84 -16.69 -3.37
C TRP A 56 9.64 -15.42 -3.60
N GLN A 57 10.86 -15.39 -3.09
CA GLN A 57 11.73 -14.22 -3.21
C GLN A 57 12.28 -14.00 -4.62
N ALA A 58 12.46 -15.11 -5.35
CA ALA A 58 12.95 -15.05 -6.73
C ALA A 58 11.91 -14.46 -7.68
N ASN A 59 10.64 -14.61 -7.32
CA ASN A 59 9.53 -14.06 -8.10
C ASN A 59 9.29 -12.57 -7.85
N LEU A 60 9.76 -12.11 -6.70
CA LEU A 60 9.67 -10.71 -6.31
C LEU A 60 10.68 -9.86 -7.09
N ARG A 61 10.17 -8.94 -7.90
CA ARG A 61 11.03 -8.07 -8.70
C ARG A 61 10.67 -6.60 -8.53
N LEU A 62 11.67 -5.73 -8.69
CA LEU A 62 11.49 -4.28 -8.60
C LEU A 62 11.12 -3.70 -9.97
N ILE A 63 10.16 -2.78 -9.98
CA ILE A 63 9.76 -2.09 -11.20
C ILE A 63 10.44 -0.74 -11.46
N SER A 64 10.32 0.18 -10.50
CA SER A 64 10.91 1.52 -10.59
C SER A 64 10.71 2.29 -9.30
N LYS A 65 11.45 3.39 -9.15
CA LYS A 65 11.39 4.24 -7.96
C LYS A 65 11.02 5.68 -8.30
N PHE A 66 10.22 6.29 -7.43
CA PHE A 66 9.81 7.68 -7.60
C PHE A 66 9.76 8.42 -6.27
N ASP A 67 10.00 9.73 -6.30
CA ASP A 67 9.93 10.55 -5.10
C ASP A 67 9.21 11.88 -5.35
N THR A 68 8.46 11.94 -6.43
CA THR A 68 7.63 13.11 -6.76
C THR A 68 6.21 12.70 -7.19
N VAL A 69 5.31 13.67 -7.21
CA VAL A 69 3.90 13.44 -7.58
C VAL A 69 3.76 13.11 -9.07
N GLU A 70 4.49 13.84 -9.91
CA GLU A 70 4.42 13.63 -11.36
C GLU A 70 4.96 12.26 -11.76
N ASP A 71 6.07 11.86 -11.14
CA ASP A 71 6.69 10.57 -11.44
C ASP A 71 5.84 9.39 -10.96
N PHE A 72 4.96 9.65 -10.00
CA PHE A 72 4.05 8.63 -9.52
C PHE A 72 2.98 8.32 -10.58
N TRP A 73 2.45 9.38 -11.18
CA TRP A 73 1.45 9.23 -12.22
C TRP A 73 2.05 8.77 -13.53
N ALA A 74 3.34 9.04 -13.72
CA ALA A 74 4.08 8.56 -14.88
C ALA A 74 4.25 7.04 -14.84
N LEU A 75 4.28 6.49 -13.63
CA LEU A 75 4.38 5.05 -13.42
C LEU A 75 3.02 4.37 -13.41
N TYR A 76 2.06 4.99 -12.71
CA TYR A 76 0.72 4.41 -12.53
C TYR A 76 -0.08 4.31 -13.83
N ASN A 77 0.10 5.29 -14.72
CA ASN A 77 -0.66 5.33 -15.96
C ASN A 77 -0.25 4.29 -17.00
N HIS A 78 1.00 3.85 -16.96
CA HIS A 78 1.52 2.90 -17.93
C HIS A 78 1.55 1.47 -17.47
N ILE A 79 1.10 1.23 -16.24
CA ILE A 79 0.98 -0.14 -15.77
C ILE A 79 -0.46 -0.60 -15.70
N GLN A 80 -0.63 -1.92 -15.66
CA GLN A 80 -1.95 -2.53 -15.66
C GLN A 80 -2.64 -2.43 -14.30
N LEU A 81 -3.96 -2.33 -14.33
CA LEU A 81 -4.77 -2.26 -13.12
C LEU A 81 -4.72 -3.60 -12.41
N SER A 82 -5.03 -3.58 -11.12
CA SER A 82 -4.99 -4.79 -10.29
C SER A 82 -6.03 -5.84 -10.69
N SER A 83 -7.09 -5.40 -11.35
CA SER A 83 -8.17 -6.28 -11.81
C SER A 83 -7.79 -7.03 -13.09
N ASN A 84 -6.81 -6.51 -13.82
CA ASN A 84 -6.40 -7.08 -15.11
C ASN A 84 -5.21 -8.03 -15.03
N LEU A 85 -4.65 -8.18 -13.84
CA LEU A 85 -3.52 -9.09 -13.61
C LEU A 85 -3.95 -10.55 -13.56
N MET A 86 -3.01 -11.44 -13.75
CA MET A 86 -3.25 -12.87 -13.63
C MET A 86 -3.46 -13.25 -12.16
N PRO A 87 -4.09 -14.38 -11.95
CA PRO A 87 -4.26 -14.87 -10.59
C PRO A 87 -2.92 -15.28 -9.98
N GLY A 88 -2.58 -14.66 -8.88
CA GLY A 88 -1.32 -14.97 -8.21
C GLY A 88 -0.27 -13.87 -8.33
N CYS A 89 -0.71 -12.68 -8.75
CA CYS A 89 0.19 -11.54 -8.93
C CYS A 89 -0.02 -10.45 -7.88
N ASP A 90 1.07 -9.81 -7.46
CA ASP A 90 1.03 -8.78 -6.43
C ASP A 90 1.71 -7.49 -6.85
N TYR A 91 1.09 -6.35 -6.51
CA TYR A 91 1.75 -5.05 -6.56
C TYR A 91 2.16 -4.66 -5.14
N SER A 92 3.39 -4.20 -4.99
CA SER A 92 3.91 -3.84 -3.67
C SER A 92 4.63 -2.49 -3.67
N LEU A 93 4.01 -1.50 -3.04
CA LEU A 93 4.57 -0.17 -2.91
C LEU A 93 5.14 0.10 -1.51
N PHE A 94 6.45 0.15 -1.42
CA PHE A 94 7.11 0.32 -0.12
C PHE A 94 8.10 1.48 -0.16
N LYS A 95 8.48 1.98 1.01
CA LYS A 95 9.48 3.04 1.14
C LYS A 95 10.85 2.54 0.65
N ASP A 96 11.61 3.44 0.06
CA ASP A 96 12.94 3.12 -0.45
C ASP A 96 13.75 2.58 0.72
N GLY A 97 14.24 1.35 0.57
CA GLY A 97 15.02 0.70 1.62
C GLY A 97 14.34 -0.48 2.31
N ILE A 98 13.01 -0.50 2.26
CA ILE A 98 12.23 -1.56 2.88
C ILE A 98 11.71 -2.53 1.82
N GLU A 99 12.06 -3.81 1.98
CA GLU A 99 11.62 -4.87 1.06
C GLU A 99 10.24 -5.41 1.45
N PRO A 100 9.42 -5.78 0.45
CA PRO A 100 8.05 -6.26 0.68
C PRO A 100 7.99 -7.69 1.24
N MET A 101 8.67 -7.91 2.36
CA MET A 101 8.64 -9.17 3.08
C MET A 101 8.59 -8.96 4.60
N TRP A 102 8.20 -9.93 5.43
N TRP A 102 8.18 -9.84 5.51
CA TRP A 102 8.21 -9.74 6.88
CA TRP A 102 8.26 -9.57 6.94
C TRP A 102 9.62 -9.91 7.44
C TRP A 102 9.64 -9.94 7.49
N GLU A 103 10.55 -10.31 6.59
CA GLU A 103 11.79 -10.55 7.31
C GLU A 103 12.69 -9.32 7.28
N ASP A 104 12.14 -8.20 6.80
CA ASP A 104 12.89 -6.97 6.71
C ASP A 104 12.75 -6.29 8.06
N GLU A 105 13.86 -5.71 8.53
CA GLU A 105 13.94 -5.12 9.85
C GLU A 105 12.72 -4.27 10.18
N LYS A 106 12.31 -3.46 9.22
CA LYS A 106 11.17 -2.56 9.44
C LYS A 106 9.83 -3.30 9.49
N ASN A 107 9.81 -4.50 8.94
CA ASN A 107 8.60 -5.28 8.89
C ASN A 107 8.42 -6.35 9.96
N LYS A 108 9.50 -6.94 10.40
CA LYS A 108 9.48 -8.08 11.35
C LYS A 108 8.79 -7.78 12.68
N ARG A 109 8.78 -6.52 13.09
CA ARG A 109 8.18 -6.13 14.36
C ARG A 109 6.76 -5.58 14.22
N GLY A 110 6.31 -5.42 12.98
CA GLY A 110 4.96 -4.89 12.72
C GLY A 110 3.95 -5.89 12.20
N GLY A 111 2.91 -5.36 11.55
CA GLY A 111 1.83 -6.19 11.02
C GLY A 111 1.08 -5.43 9.93
N ARG A 112 -0.07 -5.97 9.53
CA ARG A 112 -0.84 -5.45 8.39
C ARG A 112 -2.33 -5.20 8.67
N TRP A 113 -2.87 -4.12 8.12
CA TRP A 113 -4.30 -3.86 8.14
C TRP A 113 -4.89 -4.49 6.92
N LEU A 114 -5.51 -5.65 7.10
CA LEU A 114 -6.00 -6.45 5.98
C LEU A 114 -7.42 -6.10 5.56
N ILE A 115 -7.62 -6.00 4.24
CA ILE A 115 -8.93 -5.79 3.65
C ILE A 115 -9.27 -6.99 2.76
N THR A 116 -10.30 -7.74 3.16
CA THR A 116 -10.74 -8.91 2.39
C THR A 116 -11.81 -8.49 1.39
N LEU A 117 -11.55 -8.76 0.12
CA LEU A 117 -12.52 -8.51 -0.94
C LEU A 117 -13.05 -9.83 -1.43
N ASN A 118 -14.24 -9.80 -2.01
CA ASN A 118 -14.82 -10.95 -2.65
C ASN A 118 -14.58 -10.89 -4.19
N LYS A 119 -15.18 -11.83 -4.91
CA LYS A 119 -15.07 -11.88 -6.35
C LYS A 119 -15.82 -10.78 -7.12
N GLN A 120 -16.90 -10.29 -6.51
CA GLN A 120 -17.70 -9.21 -7.09
C GLN A 120 -17.06 -7.83 -6.86
N GLN A 121 -16.18 -7.75 -5.86
CA GLN A 121 -15.50 -6.50 -5.51
C GLN A 121 -14.26 -6.23 -6.37
N ARG A 122 -13.93 -7.16 -7.25
CA ARG A 122 -12.84 -6.98 -8.22
C ARG A 122 -13.22 -5.95 -9.27
N ARG A 123 -14.45 -6.04 -9.76
CA ARG A 123 -14.98 -5.13 -10.78
C ARG A 123 -15.28 -3.75 -10.21
N SER A 124 -15.86 -3.70 -9.01
CA SER A 124 -16.35 -2.46 -8.42
C SER A 124 -15.33 -1.73 -7.55
N ASP A 125 -14.63 -2.47 -6.69
CA ASP A 125 -13.87 -1.87 -5.59
C ASP A 125 -12.35 -1.99 -5.66
N LEU A 126 -11.85 -3.05 -6.29
CA LEU A 126 -10.43 -3.40 -6.27
C LEU A 126 -9.48 -2.28 -6.73
N ASP A 127 -9.69 -1.78 -7.94
CA ASP A 127 -8.86 -0.72 -8.51
C ASP A 127 -9.08 0.63 -7.82
N ARG A 128 -10.27 0.82 -7.26
CA ARG A 128 -10.59 2.05 -6.55
C ARG A 128 -9.92 2.08 -5.17
N PHE A 129 -9.97 0.95 -4.47
CA PHE A 129 -9.37 0.82 -3.13
C PHE A 129 -7.84 0.87 -3.12
N TRP A 130 -7.25 0.31 -4.17
CA TRP A 130 -5.80 0.27 -4.33
C TRP A 130 -5.24 1.64 -4.65
N LEU A 131 -5.95 2.42 -5.45
CA LEU A 131 -5.45 3.76 -5.75
C LEU A 131 -5.66 4.71 -4.58
N GLU A 132 -6.69 4.48 -3.82
CA GLU A 132 -6.87 5.22 -2.58
C GLU A 132 -5.81 4.84 -1.55
N THR A 133 -5.41 3.57 -1.57
CA THR A 133 -4.32 3.05 -0.74
C THR A 133 -2.99 3.69 -1.15
N LEU A 134 -2.76 3.80 -2.46
CA LEU A 134 -1.56 4.42 -3.00
C LEU A 134 -1.43 5.90 -2.62
N LEU A 135 -2.57 6.60 -2.66
CA LEU A 135 -2.61 8.03 -2.33
C LEU A 135 -2.43 8.28 -0.83
N CYS A 136 -2.83 7.30 -0.02
CA CYS A 136 -2.65 7.37 1.44
C CYS A 136 -1.18 7.23 1.83
N LEU A 137 -0.43 6.49 1.03
CA LEU A 137 0.99 6.30 1.27
C LEU A 137 1.82 7.52 0.84
N ILE A 138 1.73 7.88 -0.40
CA ILE A 138 2.54 8.96 -0.98
C ILE A 138 2.12 10.33 -0.44
N GLY A 139 0.84 10.44 -0.06
CA GLY A 139 0.24 11.66 0.43
C GLY A 139 0.43 11.86 1.90
N GLU A 140 0.82 10.77 2.57
CA GLU A 140 1.19 10.79 3.98
C GLU A 140 0.07 11.21 4.91
N SER A 141 -1.08 10.59 4.72
CA SER A 141 -2.42 10.98 5.20
C SER A 141 -2.67 10.61 6.66
N PHE A 142 -1.72 9.97 7.31
CA PHE A 142 -1.93 9.55 8.69
C PHE A 142 -1.18 10.41 9.70
N ASP A 143 -0.97 11.67 9.35
CA ASP A 143 -0.29 12.61 10.24
C ASP A 143 1.09 12.11 10.62
N ASP A 144 1.45 12.21 11.90
CA ASP A 144 2.76 11.80 12.38
C ASP A 144 2.96 10.28 12.33
N TYR A 145 1.86 9.54 12.29
CA TYR A 145 1.93 8.08 12.27
C TYR A 145 2.14 7.50 10.87
N SER A 146 2.40 8.40 9.90
CA SER A 146 2.77 7.99 8.55
C SER A 146 4.20 7.43 8.52
N ASP A 147 4.96 7.71 9.57
CA ASP A 147 6.30 7.19 9.72
C ASP A 147 6.28 5.72 10.13
N ASP A 148 5.20 5.29 10.77
CA ASP A 148 5.03 3.90 11.16
C ASP A 148 4.70 3.03 9.94
N VAL A 149 4.13 3.64 8.92
CA VAL A 149 3.75 2.94 7.69
C VAL A 149 5.00 2.52 6.90
N CYS A 150 5.03 1.24 6.51
CA CYS A 150 6.10 0.61 5.74
C CYS A 150 5.74 0.51 4.28
N GLY A 151 4.55 0.03 4.00
CA GLY A 151 4.11 -0.03 2.63
C GLY A 151 2.80 -0.75 2.49
N ALA A 152 2.43 -1.01 1.25
CA ALA A 152 1.18 -1.72 0.96
C ALA A 152 1.33 -2.76 -0.15
N VAL A 153 0.46 -3.77 -0.13
CA VAL A 153 0.48 -4.82 -1.13
C VAL A 153 -0.92 -5.35 -1.46
N VAL A 154 -1.24 -5.42 -2.74
CA VAL A 154 -2.51 -5.95 -3.22
C VAL A 154 -2.33 -7.37 -3.78
N ASN A 155 -3.11 -8.31 -3.24
CA ASN A 155 -3.07 -9.69 -3.68
C ASN A 155 -4.21 -10.01 -4.64
N VAL A 156 -3.85 -10.45 -5.84
CA VAL A 156 -4.84 -10.81 -6.86
C VAL A 156 -5.03 -12.32 -6.87
N ARG A 157 -6.11 -12.78 -6.24
CA ARG A 157 -6.42 -14.21 -6.13
C ARG A 157 -7.81 -14.51 -6.67
N ALA A 158 -7.96 -15.69 -7.26
CA ALA A 158 -9.23 -16.13 -7.85
C ALA A 158 -10.32 -16.34 -6.81
N LYS A 159 -9.91 -16.72 -5.61
CA LYS A 159 -10.78 -16.99 -4.47
C LYS A 159 -11.25 -15.72 -3.75
N GLY A 160 -10.53 -14.65 -3.99
CA GLY A 160 -10.85 -13.33 -3.42
C GLY A 160 -9.63 -12.46 -3.27
N ASP A 161 -9.77 -11.20 -3.65
CA ASP A 161 -8.66 -10.23 -3.62
C ASP A 161 -8.41 -9.70 -2.21
N LYS A 162 -7.17 -9.31 -1.94
CA LYS A 162 -6.78 -8.78 -0.63
C LYS A 162 -5.87 -7.56 -0.75
N ILE A 163 -6.14 -6.54 0.07
CA ILE A 163 -5.31 -5.34 0.13
C ILE A 163 -4.91 -5.09 1.59
N ALA A 164 -3.62 -4.79 1.81
CA ALA A 164 -3.11 -4.57 3.16
C ALA A 164 -2.07 -3.45 3.25
N ILE A 165 -2.17 -2.66 4.31
CA ILE A 165 -1.16 -1.65 4.63
C ILE A 165 -0.28 -2.14 5.79
N TRP A 166 1.03 -2.18 5.55
CA TRP A 166 1.97 -2.69 6.53
C TRP A 166 2.55 -1.59 7.41
N THR A 167 2.66 -1.89 8.70
CA THR A 167 3.23 -0.96 9.68
C THR A 167 4.52 -1.53 10.27
N THR A 168 5.27 -0.68 10.96
CA THR A 168 6.59 -1.07 11.50
C THR A 168 6.55 -1.73 12.87
N GLU A 169 5.57 -1.36 13.70
CA GLU A 169 5.43 -1.92 15.03
C GLU A 169 3.99 -2.20 15.44
N CYS A 170 3.71 -3.43 15.85
CA CYS A 170 2.37 -3.85 16.27
C CYS A 170 2.08 -3.46 17.72
N GLU A 171 3.15 -3.18 18.47
CA GLU A 171 3.04 -2.81 19.88
C GLU A 171 2.53 -1.38 20.06
N ASN A 172 2.82 -0.51 19.09
CA ASN A 172 2.33 0.87 19.09
C ASN A 172 0.83 0.74 18.86
N ARG A 173 0.05 1.06 19.88
CA ARG A 173 -1.41 0.90 19.86
C ARG A 173 -2.02 2.14 19.20
N GLU A 174 -1.49 3.29 19.54
CA GLU A 174 -2.03 4.55 19.12
C GLU A 174 -1.73 4.82 17.68
N ALA A 175 -0.59 4.36 17.26
CA ALA A 175 -0.13 4.48 15.87
C ALA A 175 -0.94 3.59 14.92
N VAL A 176 -1.09 2.32 15.31
CA VAL A 176 -1.81 1.33 14.50
C VAL A 176 -3.31 1.66 14.38
N THR A 177 -3.92 2.06 15.49
CA THR A 177 -5.35 2.40 15.51
C THR A 177 -5.68 3.64 14.66
N HIS A 178 -4.82 4.62 14.66
CA HIS A 178 -5.11 5.78 13.87
C HIS A 178 -5.05 5.46 12.42
N ILE A 179 -4.01 4.75 11.97
CA ILE A 179 -3.85 4.39 10.56
C ILE A 179 -5.07 3.60 10.05
N GLY A 180 -5.45 2.58 10.80
CA GLY A 180 -6.58 1.71 10.44
C GLY A 180 -7.93 2.42 10.37
N ARG A 181 -8.13 3.40 11.24
CA ARG A 181 -9.38 4.17 11.28
C ARG A 181 -9.48 5.15 10.11
N VAL A 182 -8.38 5.83 9.86
CA VAL A 182 -8.33 6.81 8.83
C VAL A 182 -8.35 6.14 7.44
N TYR A 183 -7.72 4.97 7.35
CA TYR A 183 -7.69 4.15 6.15
C TYR A 183 -9.09 3.64 5.79
N LYS A 184 -9.85 3.28 6.79
CA LYS A 184 -11.23 2.83 6.64
C LYS A 184 -12.13 3.96 6.16
N GLU A 185 -11.87 5.17 6.66
CA GLU A 185 -12.60 6.37 6.26
C GLU A 185 -12.30 6.79 4.83
N ARG A 186 -11.05 6.61 4.42
CA ARG A 186 -10.62 6.98 3.07
C ARG A 186 -11.28 6.09 2.02
N LEU A 187 -11.28 4.78 2.27
CA LEU A 187 -11.87 3.83 1.34
C LEU A 187 -13.38 3.99 1.24
N GLY A 188 -14.00 4.46 2.32
CA GLY A 188 -15.44 4.67 2.35
C GLY A 188 -16.20 3.42 2.75
N LEU A 189 -15.58 2.60 3.59
CA LEU A 189 -16.20 1.35 4.08
C LEU A 189 -17.23 1.64 5.16
N PRO A 190 -18.39 0.99 5.06
CA PRO A 190 -19.45 1.16 6.05
C PRO A 190 -19.00 0.75 7.45
N PRO A 191 -19.61 1.29 8.49
CA PRO A 191 -19.24 0.95 9.87
C PRO A 191 -19.51 -0.51 10.20
N LYS A 192 -20.39 -1.13 9.43
CA LYS A 192 -20.76 -2.53 9.63
C LYS A 192 -19.59 -3.45 9.30
N ILE A 193 -18.82 -3.06 8.28
CA ILE A 193 -17.65 -3.81 7.86
C ILE A 193 -16.52 -3.67 8.87
N VAL A 194 -16.05 -4.79 9.38
CA VAL A 194 -14.97 -4.81 10.38
C VAL A 194 -13.69 -5.38 9.76
N ILE A 195 -12.61 -4.61 9.87
CA ILE A 195 -11.30 -5.03 9.35
C ILE A 195 -10.32 -5.29 10.50
N GLY A 196 -9.43 -6.26 10.29
CA GLY A 196 -8.52 -6.71 11.34
C GLY A 196 -7.04 -6.46 11.06
N TYR A 197 -6.36 -5.97 12.09
CA TYR A 197 -4.90 -5.85 12.10
C TYR A 197 -4.34 -7.10 12.72
N GLN A 198 -3.49 -7.78 11.96
CA GLN A 198 -2.80 -8.98 12.43
C GLN A 198 -1.30 -8.85 12.16
N SER A 199 -0.49 -9.20 13.16
CA SER A 199 0.96 -9.07 13.04
C SER A 199 1.55 -10.14 12.11
N HIS A 200 2.77 -9.87 11.63
CA HIS A 200 3.47 -10.79 10.75
C HIS A 200 4.01 -12.01 11.48
N ALA A 201 4.28 -11.84 12.78
CA ALA A 201 4.76 -12.93 13.63
C ALA A 201 3.69 -13.97 13.92
N ASP A 202 2.43 -13.53 13.92
CA ASP A 202 1.30 -14.42 14.16
C ASP A 202 0.77 -15.05 12.86
N THR A 203 0.97 -14.34 11.75
CA THR A 203 0.55 -14.82 10.44
C THR A 203 1.41 -16.00 9.96
N ALA A 204 2.71 -15.92 10.23
CA ALA A 204 3.66 -16.97 9.84
C ALA A 204 3.95 -18.00 10.94
N THR A 205 2.98 -18.22 11.82
CA THR A 205 3.14 -19.17 12.91
C THR A 205 1.92 -20.07 13.12
N THR A 211 -5.43 -17.09 11.73
CA THR A 211 -4.74 -15.92 12.24
C THR A 211 -5.68 -15.06 13.13
N LYS A 212 -5.14 -14.45 14.16
CA LYS A 212 -5.89 -13.69 15.14
C LYS A 212 -5.70 -12.18 14.96
N ASN A 213 -6.71 -11.41 15.33
CA ASN A 213 -6.67 -9.95 15.22
C ASN A 213 -6.16 -9.27 16.49
N ARG A 214 -5.14 -8.45 16.34
CA ARG A 214 -4.61 -7.65 17.44
C ARG A 214 -5.48 -6.42 17.65
N PHE A 215 -5.94 -5.82 16.56
CA PHE A 215 -6.86 -4.70 16.64
C PHE A 215 -7.94 -4.86 15.61
N VAL A 216 -9.05 -4.20 15.85
CA VAL A 216 -10.18 -4.13 14.91
C VAL A 216 -10.83 -2.75 14.92
N VAL A 217 -11.21 -2.28 13.74
CA VAL A 217 -11.86 -0.97 13.60
C VAL A 217 -13.05 -1.01 12.65
N LYS B 1 6.00 16.18 7.03
CA LYS B 1 6.45 17.50 6.47
C LYS B 1 5.83 17.73 5.09
N LYS B 2 6.05 16.80 4.17
CA LYS B 2 5.46 16.85 2.84
C LYS B 2 4.23 15.96 2.80
N ARG B 3 3.05 16.59 2.84
CA ARG B 3 1.79 15.88 2.84
C ARG B 3 0.87 16.46 1.78
N TYR B 4 0.03 15.61 1.20
CA TYR B 4 -0.87 16.03 0.13
C TYR B 4 -2.29 15.50 0.30
N ASP B 5 -3.25 16.29 -0.18
CA ASP B 5 -4.66 15.90 -0.20
C ASP B 5 -4.93 14.99 -1.40
N ARG B 6 -5.89 14.09 -1.25
CA ARG B 6 -6.24 13.13 -2.31
C ARG B 6 -6.76 13.80 -3.59
N GLU B 7 -7.46 14.92 -3.43
CA GLU B 7 -8.03 15.65 -4.55
C GLU B 7 -6.99 16.55 -5.24
N PHE B 8 -5.93 16.89 -4.52
CA PHE B 8 -4.80 17.62 -5.07
C PHE B 8 -3.95 16.69 -5.94
N LEU B 9 -3.81 15.44 -5.50
CA LEU B 9 -3.01 14.44 -6.21
C LEU B 9 -3.68 13.94 -7.49
N LEU B 10 -5.02 13.82 -7.45
CA LEU B 10 -5.80 13.36 -8.60
C LEU B 10 -5.80 14.34 -9.78
N GLY B 11 -5.51 15.61 -9.49
CA GLY B 11 -5.42 16.64 -10.52
C GLY B 11 -4.16 16.58 -11.36
N PHE B 12 -3.20 15.75 -10.93
CA PHE B 12 -1.93 15.58 -11.64
C PHE B 12 -1.86 14.29 -12.45
N GLN B 13 -2.98 13.55 -12.49
CA GLN B 13 -3.06 12.29 -13.23
C GLN B 13 -2.90 12.51 -14.74
N PHE B 14 -3.58 13.54 -15.25
CA PHE B 14 -3.48 13.89 -16.67
C PHE B 14 -3.08 15.35 -16.85
C4 5O8 C . 6.29 -15.12 1.96
C4 5O8 C . 6.13 -14.92 1.99
C5 5O8 C . 6.16 -13.76 2.28
C5 5O8 C . 6.07 -13.56 2.28
C6 5O8 C . 7.20 -13.11 2.94
C6 5O8 C . 7.14 -12.94 2.90
C8 5O8 C . 4.36 -14.42 1.25
C8 5O8 C . 4.21 -14.16 1.30
N1 5O8 C . 8.34 -13.82 3.28
N1 5O8 C . 8.26 -13.70 3.24
N2 5O8 C . 9.50 -15.88 3.27
N2 5O8 C . 9.33 -15.79 3.23
N3 5O8 C . 7.40 -15.79 2.31
N3 5O8 C . 7.22 -15.64 2.32
CAM 5O8 C . 3.99 -11.57 4.38
CAM 5O8 C . 2.20 -11.87 3.18
CAK 5O8 C . 3.14 -11.50 5.48
CAK 5O8 C . 1.44 -11.73 4.34
CAJ 5O8 C . 1.80 -11.82 5.34
CAJ 5O8 C . 2.05 -11.33 5.53
CAL 5O8 C . 1.30 -12.21 4.10
CAL 5O8 C . 3.41 -11.08 5.55
CAN 5O8 C . 2.15 -12.28 3.00
CAN 5O8 C . 4.17 -11.22 4.40
CAW 5O8 C . 3.50 -11.96 3.14
CAW 5O8 C . 3.57 -11.61 3.22
CAQ 5O8 C . 4.43 -12.03 1.93
CAQ 5O8 C . 4.40 -11.77 1.94
N7 5O8 C . 4.98 -13.38 1.82
N7 5O8 C . 4.89 -13.14 1.84
O6 5O8 C . 7.09 -11.91 3.22
O6 5O8 C . 7.09 -11.73 3.17
C2 5O8 C . 8.41 -15.18 2.95
C2 5O8 C . 8.27 -15.06 2.93
N9 5O8 C . 5.17 -15.48 1.34
N9 5O8 C . 4.98 -15.25 1.40
CBD 5O8 C . 4.88 -16.84 0.83
CBD 5O8 C . 4.60 -16.60 0.91
OAU 5O8 C . 3.67 -16.80 0.05
OAU 5O8 C . 3.85 -17.29 1.96
CBB 5O8 C . 4.54 -17.76 2.01
CBB 5O8 C . 5.84 -17.46 0.64
OAF 5O8 C . 5.68 -18.55 2.33
OAF 5O8 C . 5.52 -18.46 -0.32
CBA 5O8 C . 3.44 -18.66 1.45
CBA 5O8 C . 6.11 -18.10 1.98
OAE 5O8 C . 3.89 -20.02 1.45
OAE 5O8 C . 6.73 -19.38 1.78
CBC 5O8 C . 3.24 -18.17 0.01
CBC 5O8 C . 4.71 -18.31 2.56
CAP 5O8 C . 1.76 -18.24 -0.35
CAP 5O8 C . 4.74 -18.11 4.08
NAS 5O8 C . 1.30 -16.90 -0.76
NAS 5O8 C . 5.61 -16.97 4.41
SBH 5O8 C . 0.73 -16.10 0.54
SBH 5O8 C . 4.74 -15.82 5.17
OAC 5O8 C . 1.78 -16.08 1.61
OAC 5O8 C . 3.41 -15.65 4.48
OAD 5O8 C . -0.49 -16.79 1.06
OAD 5O8 C . 5.49 -14.52 5.15
CBG 5O8 C . 0.31 -14.38 0.07
CBG 5O8 C . 4.45 -16.32 6.92
FAH 5O8 C . 1.32 -13.85 -0.61
FAH 5O8 C . 3.46 -17.21 6.95
FAI 5O8 C . -0.78 -14.39 -0.69
FAI 5O8 C . 5.55 -16.88 7.39
FAG 5O8 C . 0.09 -13.66 1.17
FAG 5O8 C . 4.14 -15.26 7.64
S SO4 D . 0.35 -14.15 0.33
O1 SO4 D . -0.47 -13.72 1.46
O2 SO4 D . 1.26 -13.03 -0.06
O3 SO4 D . -0.54 -14.68 -0.73
O4 SO4 D . 1.13 -15.33 0.78
#